data_7O9Z
#
_entry.id   7O9Z
#
_cell.length_a   107.193
_cell.length_b   107.193
_cell.length_c   107.443
_cell.angle_alpha   90.000
_cell.angle_beta   90.000
_cell.angle_gamma   90.000
#
_symmetry.space_group_name_H-M   'P 43 2 2'
#
loop_
_entity.id
_entity.type
_entity.pdbx_description
1 polymer Menin
2 non-polymer (~{E})-2-cyano-3-(2~{H}-indazol-6-yl)-~{N}-(2-morpholin-4-ylethyl)prop-2-enamide
3 non-polymer 1,2-ETHANEDIOL
4 non-polymer GLYCEROL
5 water water
#
_entity_poly.entity_id   1
_entity_poly.type   'polypeptide(L)'
_entity_poly.pdbx_seq_one_letter_code
;AMGLKAAQKTLFPLRSIDDVVRLFAAELGREEPDLVLLSLVLGFVEHFLAVNRVGLTYFPVADLSIIAALYARFTAQIRG
AVDLSLYPREGGVSSRELVKKVSDVIWNSLSRSYFKDRAHIQSLFSFITGTKLDSSGVAFAVVGACQALGLRDVHLALSE
DHAWVVFGPNGEQTAEVTWHGKGNEDRRGQTVNAGVAERSWLYLKGSYMRCDRKMEVAFMVCAINPSIDLHTDSLELLQL
QQKLLWLLYDLGHLERYPMALGNLADLEELEPTPGRPDPLTLYHKGIASAKTYYRDEHIYPYMYLAGYHCRNRNVREALQ
AWADTATVIQDYNYCREDEEIYKEFFEVANDVIPNLLKEAASLLEAGQSQGSALQDPECFAHLLRFYDGICKWEEGSPTP
VLHVGWATFLVQSLGRFEGQVRQKVRIVSGTVAGTARGPEGGSTAQVPAPAASPPPEGPVLTFQSEKMKGMKELLVATKI
NSSAIKLQLTAQSQ
;
_entity_poly.pdbx_strand_id   A
#
# COMPACT_ATOMS: atom_id res chain seq x y z
N ALA A 1 19.11 -0.06 17.71
CA ALA A 1 19.46 1.22 18.33
C ALA A 1 20.83 1.62 17.88
N MET A 2 21.87 1.34 18.68
CA MET A 2 23.20 1.84 18.36
C MET A 2 24.31 0.84 18.67
N GLY A 3 24.91 0.31 17.61
CA GLY A 3 26.05 -0.56 17.70
C GLY A 3 25.63 -2.01 17.74
N LEU A 4 26.33 -2.86 16.99
CA LEU A 4 26.03 -4.28 17.00
C LEU A 4 26.39 -4.90 18.33
N LYS A 5 25.51 -5.76 18.83
CA LYS A 5 25.69 -6.49 20.08
C LYS A 5 26.05 -7.97 19.84
N ALA A 6 26.65 -8.58 20.86
CA ALA A 6 26.94 -10.01 20.82
C ALA A 6 25.69 -10.86 20.59
N ALA A 7 24.54 -10.43 21.13
CA ALA A 7 23.31 -11.22 20.94
C ALA A 7 22.88 -11.27 19.47
N GLN A 8 23.24 -10.24 18.72
CA GLN A 8 23.01 -10.26 17.27
C GLN A 8 24.14 -10.99 16.55
N LYS A 9 25.39 -10.65 16.91
CA LYS A 9 26.56 -11.23 16.24
C LYS A 9 26.62 -12.74 16.34
N THR A 10 26.16 -13.31 17.46
CA THR A 10 26.24 -14.76 17.63
C THR A 10 25.33 -15.53 16.67
N LEU A 11 24.41 -14.88 15.97
CA LEU A 11 23.51 -15.56 15.04
C LEU A 11 24.05 -15.57 13.62
N PHE A 12 25.23 -14.90 13.37
CA PHE A 12 25.91 -14.99 12.09
C PHE A 12 26.84 -16.20 12.09
N PRO A 13 27.17 -16.75 10.91
CA PRO A 13 26.65 -16.24 9.62
C PRO A 13 25.21 -16.64 9.32
N LEU A 14 24.53 -15.83 8.50
CA LEU A 14 23.18 -16.16 8.05
C LEU A 14 23.33 -16.96 6.77
N ARG A 15 23.02 -18.25 6.83
CA ARG A 15 23.25 -19.16 5.71
C ARG A 15 21.93 -19.69 5.12
N SER A 16 20.80 -19.13 5.52
CA SER A 16 19.52 -19.66 5.09
C SER A 16 18.41 -18.67 5.40
N ILE A 17 17.29 -18.87 4.73
CA ILE A 17 16.07 -18.15 5.04
C ILE A 17 15.77 -18.19 6.54
N ASP A 18 15.77 -19.41 7.11
CA ASP A 18 15.42 -19.53 8.53
C ASP A 18 16.43 -18.82 9.44
N ASP A 19 17.71 -18.81 9.09
CA ASP A 19 18.69 -18.03 9.87
C ASP A 19 18.30 -16.56 9.87
N VAL A 20 17.85 -16.05 8.72
CA VAL A 20 17.42 -14.64 8.70
C VAL A 20 16.22 -14.46 9.61
N VAL A 21 15.24 -15.36 9.54
CA VAL A 21 14.06 -15.26 10.39
C VAL A 21 14.48 -15.26 11.85
N ARG A 22 15.47 -16.09 12.19
CA ARG A 22 15.89 -16.18 13.60
C ARG A 22 16.46 -14.85 14.08
N LEU A 23 17.25 -14.18 13.25
CA LEU A 23 17.76 -12.85 13.60
C LEU A 23 16.63 -11.85 13.82
N PHE A 24 15.62 -11.86 12.93
CA PHE A 24 14.48 -10.96 13.10
C PHE A 24 13.70 -11.29 14.38
N ALA A 25 13.50 -12.56 14.67
CA ALA A 25 12.75 -12.91 15.89
C ALA A 25 13.49 -12.43 17.14
N ALA A 26 14.82 -12.53 17.13
CA ALA A 26 15.64 -12.01 18.23
C ALA A 26 15.49 -10.50 18.37
N GLU A 27 15.56 -9.79 17.24
CA GLU A 27 15.50 -8.34 17.26
C GLU A 27 14.13 -7.87 17.72
N LEU A 28 13.06 -8.54 17.25
CA LEU A 28 11.70 -8.15 17.60
C LEU A 28 11.38 -8.40 19.08
N GLY A 29 12.25 -9.14 19.77
CA GLY A 29 12.09 -9.31 21.20
C GLY A 29 12.70 -8.19 22.02
N ARG A 30 13.37 -7.23 21.38
CA ARG A 30 13.98 -6.09 22.05
C ARG A 30 13.14 -4.82 21.87
N GLU A 31 13.36 -3.86 22.77
CA GLU A 31 12.58 -2.63 22.73
C GLU A 31 12.87 -1.82 21.47
N GLU A 32 14.12 -1.81 21.05
CA GLU A 32 14.56 -1.08 19.86
C GLU A 32 15.18 -2.11 18.91
N PRO A 33 14.38 -2.80 18.10
CA PRO A 33 14.99 -3.59 17.02
C PRO A 33 15.89 -2.69 16.18
N ASP A 34 17.04 -3.20 15.78
CA ASP A 34 18.02 -2.37 15.10
C ASP A 34 17.65 -2.27 13.62
N LEU A 35 17.04 -1.17 13.23
CA LEU A 35 16.57 -1.01 11.85
C LEU A 35 17.72 -1.08 10.84
N VAL A 36 18.87 -0.52 11.15
CA VAL A 36 20.01 -0.50 10.21
C VAL A 36 20.51 -1.92 9.93
N LEU A 37 20.68 -2.69 10.97
CA LEU A 37 21.12 -4.09 10.86
C LEU A 37 20.10 -4.85 10.03
N LEU A 38 18.83 -4.71 10.35
CA LEU A 38 17.88 -5.57 9.67
C LEU A 38 17.71 -5.18 8.19
N SER A 39 17.75 -3.88 7.89
CA SER A 39 17.66 -3.46 6.49
C SER A 39 18.90 -3.84 5.70
N LEU A 40 20.07 -3.79 6.33
CA LEU A 40 21.27 -4.20 5.61
C LEU A 40 21.20 -5.70 5.30
N VAL A 41 20.72 -6.48 6.26
CA VAL A 41 20.65 -7.92 6.04
C VAL A 41 19.69 -8.24 4.90
N LEU A 42 18.48 -7.65 4.92
CA LEU A 42 17.51 -7.92 3.86
C LEU A 42 18.00 -7.43 2.50
N GLY A 43 18.66 -6.26 2.48
CA GLY A 43 19.16 -5.74 1.21
C GLY A 43 20.26 -6.60 0.63
N PHE A 44 21.16 -7.08 1.51
CA PHE A 44 22.20 -8.00 1.07
C PHE A 44 21.60 -9.28 0.45
N VAL A 45 20.69 -9.92 1.17
CA VAL A 45 20.11 -11.18 0.71
C VAL A 45 19.31 -10.97 -0.58
N GLU A 46 18.53 -9.89 -0.64
CA GLU A 46 17.77 -9.61 -1.86
C GLU A 46 18.70 -9.35 -3.03
N HIS A 47 19.76 -8.57 -2.80
CA HIS A 47 20.67 -8.21 -3.88
C HIS A 47 21.20 -9.44 -4.61
N PHE A 48 21.59 -10.46 -3.84
CA PHE A 48 22.20 -11.64 -4.42
C PHE A 48 21.19 -12.71 -4.79
N LEU A 49 19.95 -12.65 -4.27
CA LEU A 49 18.94 -13.61 -4.70
C LEU A 49 18.16 -13.14 -5.92
N ALA A 50 18.07 -11.83 -6.17
CA ALA A 50 17.25 -11.31 -7.26
C ALA A 50 17.98 -11.35 -8.60
N VAL A 51 18.53 -12.51 -8.95
CA VAL A 51 19.13 -12.72 -10.25
C VAL A 51 18.77 -14.13 -10.67
N ASN A 52 18.59 -14.34 -11.97
CA ASN A 52 18.37 -15.71 -12.46
C ASN A 52 19.65 -16.52 -12.28
N ARG A 53 19.50 -17.80 -11.99
CA ARG A 53 20.65 -18.63 -11.67
C ARG A 53 20.49 -20.02 -12.25
N VAL A 54 21.63 -20.71 -12.33
CA VAL A 54 21.67 -22.16 -12.49
C VAL A 54 22.01 -22.73 -11.12
N GLY A 55 21.22 -23.69 -10.67
CA GLY A 55 21.48 -24.34 -9.40
C GLY A 55 20.21 -24.39 -8.60
N LEU A 56 19.76 -25.60 -8.27
CA LEU A 56 18.47 -25.78 -7.63
C LEU A 56 18.40 -25.02 -6.31
N THR A 57 19.43 -25.14 -5.50
CA THR A 57 19.41 -24.47 -4.21
C THR A 57 20.56 -23.47 -4.12
N TYR A 58 20.29 -22.36 -3.44
CA TYR A 58 21.25 -21.28 -3.35
C TYR A 58 20.85 -20.38 -2.21
N PHE A 59 21.85 -19.96 -1.43
CA PHE A 59 21.58 -18.86 -0.56
C PHE A 59 22.88 -18.08 -0.43
N PRO A 60 22.84 -16.75 -0.51
CA PRO A 60 24.05 -15.94 -0.37
C PRO A 60 24.34 -15.76 1.12
N VAL A 61 25.51 -16.22 1.55
CA VAL A 61 25.81 -16.19 2.98
C VAL A 61 26.09 -14.75 3.42
N ALA A 62 25.37 -14.29 4.44
CA ALA A 62 25.61 -12.96 5.02
C ALA A 62 26.65 -13.16 6.12
N ASP A 63 27.93 -12.98 5.78
CA ASP A 63 29.00 -13.03 6.78
C ASP A 63 28.95 -11.78 7.65
N LEU A 64 29.19 -11.96 8.97
CA LEU A 64 29.12 -10.81 9.88
C LEU A 64 30.09 -9.68 9.45
N SER A 65 31.26 -10.04 8.92
CA SER A 65 32.23 -8.99 8.59
C SER A 65 31.70 -8.07 7.51
N ILE A 66 30.96 -8.59 6.53
CA ILE A 66 30.39 -7.72 5.49
C ILE A 66 29.31 -6.83 6.09
N ILE A 67 28.36 -7.44 6.81
CA ILE A 67 27.28 -6.68 7.39
C ILE A 67 27.84 -5.67 8.39
N ALA A 68 28.78 -6.09 9.24
CA ALA A 68 29.31 -5.18 10.26
C ALA A 68 30.03 -4.00 9.64
N ALA A 69 30.76 -4.24 8.54
CA ALA A 69 31.48 -3.17 7.87
C ALA A 69 30.52 -2.16 7.25
N LEU A 70 29.48 -2.64 6.55
CA LEU A 70 28.44 -1.75 6.03
C LEU A 70 27.76 -0.98 7.15
N TYR A 71 27.48 -1.65 8.27
CA TYR A 71 26.84 -1.00 9.39
C TYR A 71 27.71 0.10 9.98
N ALA A 72 29.02 -0.14 10.06
CA ALA A 72 29.91 0.86 10.62
C ALA A 72 30.00 2.05 9.69
N ARG A 73 30.02 1.81 8.37
CA ARG A 73 30.06 2.91 7.42
C ARG A 73 28.85 3.84 7.57
N PHE A 74 27.65 3.26 7.71
CA PHE A 74 26.46 4.07 7.88
C PHE A 74 26.49 4.87 9.17
N THR A 75 26.89 4.22 10.27
CA THR A 75 26.88 4.87 11.58
C THR A 75 27.93 5.99 11.64
N ALA A 76 29.11 5.75 11.09
CA ALA A 76 30.12 6.79 11.03
C ALA A 76 29.67 7.97 10.18
N GLN A 77 29.02 7.67 9.04
CA GLN A 77 28.54 8.71 8.16
C GLN A 77 27.50 9.59 8.85
N ILE A 78 26.66 9.00 9.71
CA ILE A 78 25.61 9.78 10.37
C ILE A 78 26.18 10.52 11.56
N ARG A 79 26.98 9.85 12.39
CA ARG A 79 27.50 10.48 13.58
C ARG A 79 28.48 11.60 13.23
N GLY A 80 29.22 11.45 12.15
CA GLY A 80 30.16 12.47 11.73
C GLY A 80 29.53 13.69 11.09
N ALA A 81 28.29 13.59 10.64
CA ALA A 81 27.62 14.73 10.03
C ALA A 81 26.63 15.43 10.93
N VAL A 82 26.28 14.88 12.10
CA VAL A 82 25.24 15.45 12.94
C VAL A 82 25.80 15.66 14.35
N ASP A 83 26.12 16.92 14.68
CA ASP A 83 26.58 17.26 16.02
C ASP A 83 25.37 17.41 16.92
N LEU A 84 25.15 16.42 17.79
CA LEU A 84 24.01 16.49 18.69
C LEU A 84 24.11 17.62 19.70
N SER A 85 25.33 18.07 20.02
CA SER A 85 25.47 19.19 20.97
C SER A 85 24.85 20.48 20.43
N LEU A 86 24.73 20.62 19.10
CA LEU A 86 24.10 21.79 18.51
C LEU A 86 22.58 21.76 18.54
N TYR A 87 21.96 20.71 19.09
CA TYR A 87 20.51 20.53 19.02
C TYR A 87 19.95 20.14 20.37
N PRO A 88 19.72 21.11 21.25
CA PRO A 88 19.25 20.79 22.60
C PRO A 88 17.92 20.04 22.54
N ARG A 89 17.90 18.86 23.13
CA ARG A 89 16.71 18.01 23.14
C ARG A 89 16.02 18.21 24.48
N GLU A 90 14.87 18.88 24.46
CA GLU A 90 14.16 19.28 25.67
C GLU A 90 12.94 18.38 25.84
N GLY A 91 13.09 17.35 26.68
CA GLY A 91 11.97 16.52 27.05
C GLY A 91 11.78 15.28 26.19
N GLY A 92 12.88 14.64 25.78
CA GLY A 92 12.81 13.47 24.94
C GLY A 92 12.27 13.72 23.55
N VAL A 93 12.15 14.97 23.14
CA VAL A 93 11.61 15.30 21.83
C VAL A 93 12.76 15.77 20.95
N SER A 94 12.64 15.49 19.66
CA SER A 94 13.57 16.00 18.67
C SER A 94 13.02 17.29 18.10
N SER A 95 13.91 18.27 17.94
CA SER A 95 13.50 19.52 17.32
C SER A 95 13.31 19.33 15.82
N ARG A 96 12.36 20.09 15.26
CA ARG A 96 12.19 20.08 13.81
C ARG A 96 13.50 20.39 13.09
N GLU A 97 14.35 21.22 13.68
CA GLU A 97 15.64 21.50 13.06
C GLU A 97 16.51 20.25 13.01
N LEU A 98 16.59 19.51 14.13
CA LEU A 98 17.39 18.31 14.16
C LEU A 98 16.90 17.29 13.13
N VAL A 99 15.57 17.12 13.04
CA VAL A 99 15.01 16.14 12.10
C VAL A 99 15.32 16.55 10.67
N LYS A 100 15.31 17.86 10.38
CA LYS A 100 15.61 18.31 9.03
C LYS A 100 17.10 18.17 8.71
N LYS A 101 17.97 18.31 9.71
CA LYS A 101 19.40 18.07 9.49
C LYS A 101 19.66 16.61 9.13
N VAL A 102 19.10 15.68 9.88
CA VAL A 102 19.28 14.26 9.53
C VAL A 102 18.77 14.02 8.12
N SER A 103 17.58 14.54 7.80
CA SER A 103 16.99 14.32 6.49
C SER A 103 17.89 14.82 5.37
N ASP A 104 18.50 16.00 5.56
CA ASP A 104 19.35 16.56 4.51
C ASP A 104 20.63 15.74 4.35
N VAL A 105 21.16 15.22 5.45
CA VAL A 105 22.37 14.37 5.41
C VAL A 105 22.13 13.15 4.52
N ILE A 106 21.04 12.43 4.77
CA ILE A 106 20.62 11.38 3.86
C ILE A 106 20.47 11.93 2.44
N TRP A 107 19.75 13.04 2.32
CA TRP A 107 19.36 13.53 1.00
C TRP A 107 20.58 13.94 0.17
N ASN A 108 21.52 14.66 0.79
CA ASN A 108 22.75 15.12 0.16
C ASN A 108 23.70 13.97 -0.17
N SER A 109 23.46 12.76 0.37
CA SER A 109 24.32 11.63 0.07
C SER A 109 23.96 10.92 -1.22
N LEU A 110 22.74 11.11 -1.71
CA LEU A 110 22.23 10.29 -2.80
C LEU A 110 22.96 10.64 -4.10
N SER A 111 22.99 9.67 -5.00
CA SER A 111 23.62 9.81 -6.30
C SER A 111 22.95 10.90 -7.13
N SER A 113 22.45 11.35 -10.22
CA SER A 113 21.43 11.02 -11.21
C SER A 113 21.31 9.51 -11.39
N TYR A 114 20.06 9.04 -11.35
CA TYR A 114 19.74 7.62 -11.48
C TYR A 114 18.23 7.51 -11.64
N PHE A 115 17.78 6.36 -12.14
CA PHE A 115 16.35 6.09 -12.34
C PHE A 115 15.75 5.69 -11.00
N LYS A 116 15.08 6.66 -10.36
CA LYS A 116 14.62 6.56 -8.96
C LYS A 116 13.44 5.59 -8.79
N ASP A 117 12.96 4.94 -9.85
CA ASP A 117 11.88 3.96 -9.81
C ASP A 117 12.34 2.56 -10.19
N ARG A 118 13.61 2.25 -9.92
CA ARG A 118 14.15 0.93 -10.19
C ARG A 118 13.84 -0.01 -9.02
N ALA A 119 13.99 -1.31 -9.28
CA ALA A 119 13.80 -2.30 -8.23
C ALA A 119 15.09 -2.47 -7.40
N HIS A 120 14.90 -2.91 -6.15
CA HIS A 120 15.99 -3.29 -5.24
C HIS A 120 16.86 -2.09 -4.85
N ILE A 121 16.34 -0.87 -4.88
CA ILE A 121 17.06 0.23 -4.27
C ILE A 121 16.28 0.74 -3.08
N GLN A 122 15.65 -0.15 -2.34
CA GLN A 122 14.84 0.31 -1.22
C GLN A 122 15.54 0.19 0.13
N SER A 123 16.65 -0.54 0.23
CA SER A 123 17.20 -0.88 1.53
C SER A 123 18.45 -0.03 1.82
N LEU A 124 18.87 -0.04 3.09
CA LEU A 124 20.13 0.60 3.46
C LEU A 124 21.34 -0.04 2.81
N PHE A 125 21.21 -1.28 2.33
CA PHE A 125 22.28 -1.88 1.52
C PHE A 125 22.50 -1.06 0.25
N SER A 126 21.40 -0.71 -0.42
CA SER A 126 21.47 0.13 -1.62
C SER A 126 22.09 1.49 -1.29
N PHE A 127 21.66 2.09 -0.18
CA PHE A 127 22.16 3.42 0.18
C PHE A 127 23.66 3.41 0.44
N ILE A 128 24.14 2.40 1.15
CA ILE A 128 25.54 2.40 1.57
C ILE A 128 26.47 1.99 0.43
N THR A 129 26.02 1.07 -0.43
CA THR A 129 26.93 0.52 -1.42
C THR A 129 26.84 1.23 -2.76
N GLY A 130 25.72 1.92 -3.04
CA GLY A 130 25.58 2.57 -4.33
C GLY A 130 24.93 3.95 -4.25
N THR A 131 24.72 4.43 -3.03
CA THR A 131 24.09 5.74 -2.76
C THR A 131 22.82 5.98 -3.57
N LYS A 132 21.99 4.95 -3.70
CA LYS A 132 20.71 5.03 -4.41
C LYS A 132 19.58 4.55 -3.51
N LEU A 133 18.46 5.27 -3.51
CA LEU A 133 17.27 4.90 -2.75
C LEU A 133 16.03 5.27 -3.55
N ASP A 134 14.98 4.45 -3.44
CA ASP A 134 13.70 4.85 -4.01
C ASP A 134 12.99 5.78 -3.01
N SER A 135 11.76 6.16 -3.33
CA SER A 135 11.09 7.26 -2.64
C SER A 135 10.96 6.98 -1.15
N SER A 136 10.27 5.90 -0.80
CA SER A 136 10.05 5.57 0.61
C SER A 136 11.32 5.06 1.27
N GLY A 137 12.27 4.54 0.50
CA GLY A 137 13.54 4.15 1.05
C GLY A 137 14.26 5.32 1.69
N VAL A 138 14.09 6.52 1.12
CA VAL A 138 14.69 7.72 1.71
C VAL A 138 14.10 7.98 3.08
N ALA A 139 12.76 7.91 3.18
CA ALA A 139 12.10 8.13 4.47
C ALA A 139 12.54 7.08 5.49
N PHE A 140 12.57 5.81 5.06
CA PHE A 140 13.05 4.76 5.95
C PHE A 140 14.47 5.04 6.41
N ALA A 141 15.33 5.50 5.48
CA ALA A 141 16.74 5.79 5.83
C ALA A 141 16.85 6.93 6.82
N VAL A 142 16.00 7.94 6.70
CA VAL A 142 16.00 9.00 7.70
C VAL A 142 15.63 8.46 9.08
N VAL A 143 14.63 7.57 9.14
CA VAL A 143 14.26 7.01 10.45
C VAL A 143 15.37 6.13 11.01
N GLY A 144 16.02 5.33 10.14
CA GLY A 144 17.15 4.54 10.62
C GLY A 144 18.26 5.41 11.18
N ALA A 145 18.59 6.51 10.49
CA ALA A 145 19.65 7.40 10.96
C ALA A 145 19.26 8.08 12.27
N CYS A 146 17.98 8.43 12.43
CA CYS A 146 17.54 8.96 13.71
C CYS A 146 17.64 7.93 14.83
N GLN A 147 17.29 6.66 14.55
CA GLN A 147 17.52 5.63 15.54
C GLN A 147 19.01 5.53 15.87
N ALA A 148 19.87 5.59 14.86
CA ALA A 148 21.30 5.51 15.11
C ALA A 148 21.83 6.64 15.99
N LEU A 149 21.12 7.77 16.06
CA LEU A 149 21.51 8.90 16.90
C LEU A 149 20.78 8.90 18.24
N GLY A 150 19.91 7.93 18.50
CA GLY A 150 19.16 7.89 19.73
C GLY A 150 17.91 8.74 19.76
N LEU A 151 17.39 9.15 18.61
CA LEU A 151 16.17 9.96 18.60
C LEU A 151 14.97 9.01 18.62
N ARG A 152 14.58 8.63 19.84
CA ARG A 152 13.59 7.58 19.98
C ARG A 152 12.21 8.00 19.54
N ASP A 153 11.97 9.31 19.41
CA ASP A 153 10.66 9.77 19.01
C ASP A 153 10.48 9.87 17.49
N VAL A 154 11.54 9.78 16.69
CA VAL A 154 11.38 9.89 15.23
C VAL A 154 10.90 8.55 14.67
N HIS A 155 9.83 8.59 13.88
CA HIS A 155 9.22 7.37 13.36
C HIS A 155 8.76 7.58 11.94
N LEU A 156 8.55 6.43 11.27
CA LEU A 156 8.04 6.38 9.92
C LEU A 156 6.53 6.57 9.93
N ALA A 157 6.03 7.39 9.00
CA ALA A 157 4.60 7.55 8.76
C ALA A 157 4.32 7.12 7.33
N LEU A 158 3.16 6.48 7.10
CA LEU A 158 2.87 5.94 5.78
C LEU A 158 1.42 6.12 5.41
N SER A 159 1.16 6.65 4.22
CA SER A 159 -0.16 6.51 3.66
C SER A 159 -0.19 5.30 2.74
N GLU A 160 -1.24 5.18 1.94
CA GLU A 160 -1.32 4.13 0.93
C GLU A 160 -0.46 4.43 -0.30
N ASP A 161 0.17 5.61 -0.38
CA ASP A 161 1.00 5.90 -1.54
C ASP A 161 2.20 6.77 -1.24
N HIS A 162 2.56 7.03 0.02
CA HIS A 162 3.62 7.99 0.30
C HIS A 162 4.16 7.75 1.71
N ALA A 163 5.33 8.34 1.99
CA ALA A 163 5.97 8.19 3.31
C ALA A 163 6.60 9.50 3.75
N TRP A 164 6.61 9.72 5.07
CA TRP A 164 7.33 10.85 5.65
C TRP A 164 7.71 10.45 7.07
N VAL A 165 8.03 11.43 7.93
CA VAL A 165 8.36 11.08 9.31
C VAL A 165 7.50 11.87 10.28
N VAL A 166 7.35 11.30 11.48
CA VAL A 166 6.75 11.98 12.62
C VAL A 166 7.70 11.96 13.81
N PHE A 167 7.48 12.88 14.73
CA PHE A 167 8.33 13.00 15.92
C PHE A 167 7.59 13.86 16.93
N GLY A 168 8.26 14.15 18.05
CA GLY A 168 7.63 14.83 19.16
C GLY A 168 6.62 13.97 19.90
N PRO A 169 5.92 14.57 20.88
CA PRO A 169 4.97 13.79 21.71
C PRO A 169 3.85 13.17 20.87
N ASN A 170 3.71 11.85 20.99
CA ASN A 170 2.72 11.07 20.26
C ASN A 170 2.83 11.26 18.75
N GLY A 171 3.99 11.66 18.25
CA GLY A 171 4.13 11.90 16.83
C GLY A 171 3.31 13.09 16.37
N GLU A 172 3.21 14.13 17.20
CA GLU A 172 2.43 15.29 16.83
C GLU A 172 3.07 16.06 15.67
N GLN A 173 4.39 16.07 15.59
CA GLN A 173 5.10 16.77 14.52
C GLN A 173 5.25 15.87 13.29
N THR A 174 5.10 16.45 12.10
CA THR A 174 5.36 15.74 10.86
C THR A 174 6.37 16.53 10.02
N ALA A 175 7.12 15.80 9.19
CA ALA A 175 8.02 16.44 8.24
C ALA A 175 8.15 15.58 6.99
N GLU A 176 8.10 16.23 5.83
CA GLU A 176 8.43 15.58 4.56
C GLU A 176 9.94 15.42 4.45
N VAL A 177 10.37 14.26 3.92
CA VAL A 177 11.79 13.94 3.84
C VAL A 177 12.17 13.40 2.46
N THR A 178 11.19 13.09 1.63
CA THR A 178 11.44 12.45 0.35
C THR A 178 10.46 13.03 -0.66
N TRP A 179 10.64 12.64 -1.93
CA TRP A 179 9.78 13.11 -2.99
C TRP A 179 8.57 12.21 -3.17
N HIS A 180 7.60 12.69 -3.95
CA HIS A 180 6.46 11.88 -4.34
C HIS A 180 6.10 12.19 -5.78
N GLY A 181 5.69 11.15 -6.50
CA GLY A 181 5.35 11.23 -7.89
C GLY A 181 6.47 11.78 -8.77
N LYS A 182 6.08 12.22 -9.97
CA LYS A 182 7.00 12.77 -10.95
C LYS A 182 6.69 14.25 -11.17
N GLY A 183 7.67 15.11 -10.90
CA GLY A 183 7.61 16.52 -11.25
C GLY A 183 7.08 17.45 -10.17
N ASN A 184 6.34 16.94 -9.18
CA ASN A 184 5.73 17.81 -8.19
C ASN A 184 6.79 18.57 -7.40
N GLU A 185 6.38 19.70 -6.82
CA GLU A 185 7.34 20.59 -6.18
C GLU A 185 7.79 20.04 -4.83
N ASP A 186 9.11 20.07 -4.61
CA ASP A 186 9.70 19.58 -3.37
C ASP A 186 9.03 20.20 -2.16
N ARG A 187 8.47 19.33 -1.29
CA ARG A 187 7.87 19.75 -0.03
C ARG A 187 8.71 19.37 1.18
N ARG A 188 9.96 18.94 0.97
CA ARG A 188 10.75 18.46 2.10
C ARG A 188 10.91 19.58 3.11
N GLY A 189 10.86 19.20 4.38
CA GLY A 189 10.92 20.15 5.46
C GLY A 189 9.57 20.59 5.96
N GLN A 190 8.55 20.61 5.09
CA GLN A 190 7.19 21.01 5.47
C GLN A 190 6.51 19.93 6.32
N THR A 191 5.46 20.35 7.04
CA THR A 191 4.50 19.41 7.64
C THR A 191 3.63 18.79 6.55
N VAL A 192 2.83 17.79 6.92
CA VAL A 192 1.87 17.21 5.99
C VAL A 192 0.46 17.79 6.19
N ASN A 193 0.31 18.85 6.99
CA ASN A 193 -1.04 19.32 7.36
C ASN A 193 -1.83 19.83 6.15
N ALA A 194 -1.15 20.42 5.18
CA ALA A 194 -1.85 20.89 3.98
C ALA A 194 -2.50 19.73 3.23
N GLY A 195 -1.78 18.60 3.10
CA GLY A 195 -2.37 17.46 2.42
C GLY A 195 -3.50 16.83 3.21
N VAL A 196 -3.34 16.75 4.53
CA VAL A 196 -4.45 16.32 5.38
C VAL A 196 -5.64 17.25 5.20
N ALA A 197 -5.40 18.56 5.27
CA ALA A 197 -6.49 19.53 5.20
C ALA A 197 -7.22 19.47 3.86
N GLU A 198 -6.52 19.18 2.77
CA GLU A 198 -7.22 19.19 1.48
C GLU A 198 -8.02 17.91 1.22
N ARG A 199 -8.06 16.98 2.18
CA ARG A 199 -8.90 15.79 2.08
C ARG A 199 -8.52 14.93 0.87
N SER A 200 -7.26 15.03 0.42
CA SER A 200 -6.72 14.16 -0.63
C SER A 200 -6.58 12.71 -0.13
N TRP A 201 -6.68 11.75 -1.06
CA TRP A 201 -6.39 10.36 -0.72
C TRP A 201 -4.95 10.18 -0.27
N LEU A 202 -4.03 10.98 -0.84
CA LEU A 202 -2.61 10.83 -0.58
C LEU A 202 -2.31 10.88 0.91
N TYR A 203 -3.08 11.67 1.67
CA TYR A 203 -2.80 11.80 3.10
C TYR A 203 -3.92 11.25 3.96
N LEU A 204 -4.88 10.54 3.35
CA LEU A 204 -5.85 9.68 4.03
C LEU A 204 -6.67 10.45 5.09
N LYS A 205 -6.89 11.74 4.86
CA LYS A 205 -7.65 12.55 5.84
C LYS A 205 -7.03 12.47 7.24
N GLY A 206 -5.70 12.29 7.32
CA GLY A 206 -5.02 12.09 8.59
C GLY A 206 -5.09 10.69 9.16
N SER A 207 -5.87 9.79 8.58
CA SER A 207 -5.95 8.41 9.05
C SER A 207 -4.80 7.57 8.47
N TYR A 208 -3.58 8.08 8.54
CA TYR A 208 -2.41 7.38 8.05
C TYR A 208 -1.73 6.63 9.19
N MET A 209 -0.76 5.79 8.82
CA MET A 209 -0.07 4.94 9.79
C MET A 209 1.05 5.70 10.47
N ARG A 210 1.09 5.66 11.80
CA ARG A 210 2.22 6.16 12.57
C ARG A 210 2.92 4.95 13.20
N CYS A 211 4.09 4.60 12.70
CA CYS A 211 4.79 3.37 13.08
C CYS A 211 5.47 3.48 14.45
N ASP A 212 5.42 2.41 15.25
CA ASP A 212 6.45 2.21 16.26
C ASP A 212 7.63 1.45 15.63
N ARG A 213 8.68 1.18 16.42
CA ARG A 213 9.85 0.50 15.85
C ARG A 213 9.50 -0.87 15.27
N LYS A 214 8.55 -1.55 15.88
CA LYS A 214 8.24 -2.88 15.36
C LYS A 214 7.40 -2.81 14.08
N MET A 215 6.59 -1.74 13.91
CA MET A 215 5.91 -1.57 12.64
C MET A 215 6.87 -1.13 11.56
N GLU A 216 7.94 -0.41 11.92
CA GLU A 216 9.00 -0.10 10.96
C GLU A 216 9.69 -1.36 10.47
N VAL A 217 9.87 -2.34 11.36
CA VAL A 217 10.34 -3.66 10.90
C VAL A 217 9.34 -4.26 9.93
N ALA A 218 8.05 -4.21 10.26
CA ALA A 218 7.05 -4.75 9.34
C ALA A 218 7.14 -4.05 7.97
N PHE A 219 7.35 -2.73 7.98
CA PHE A 219 7.47 -1.98 6.72
C PHE A 219 8.61 -2.51 5.88
N MET A 220 9.79 -2.71 6.48
CA MET A 220 10.91 -3.16 5.67
C MET A 220 10.70 -4.59 5.17
N VAL A 221 9.89 -5.40 5.87
CA VAL A 221 9.56 -6.73 5.35
C VAL A 221 8.61 -6.63 4.15
N CYS A 222 7.58 -5.78 4.27
CA CYS A 222 6.70 -5.56 3.11
C CYS A 222 7.45 -4.98 1.92
N ALA A 223 8.54 -4.25 2.19
CA ALA A 223 9.36 -3.63 1.15
C ALA A 223 10.27 -4.62 0.41
N ILE A 224 10.45 -5.85 0.91
CA ILE A 224 11.23 -6.85 0.16
C ILE A 224 10.64 -6.94 -1.23
N ASN A 225 11.49 -6.96 -2.27
CA ASN A 225 11.00 -7.04 -3.65
C ASN A 225 11.53 -8.32 -4.31
N PRO A 226 10.72 -9.37 -4.41
CA PRO A 226 11.19 -10.66 -4.96
C PRO A 226 11.33 -10.67 -6.48
N SER A 227 10.94 -9.59 -7.15
CA SER A 227 10.94 -9.52 -8.61
C SER A 227 12.37 -9.62 -9.16
N ILE A 228 12.63 -10.59 -10.03
CA ILE A 228 13.92 -10.70 -10.70
C ILE A 228 13.88 -10.00 -12.06
N ASP A 229 12.84 -10.27 -12.85
CA ASP A 229 12.62 -9.57 -14.11
C ASP A 229 11.10 -9.53 -14.34
N LEU A 230 10.67 -9.07 -15.51
CA LEU A 230 9.23 -8.91 -15.71
C LEU A 230 8.48 -10.24 -15.68
N HIS A 231 9.15 -11.38 -15.82
CA HIS A 231 8.43 -12.65 -15.82
C HIS A 231 8.69 -13.51 -14.59
N THR A 232 9.59 -13.12 -13.69
CA THR A 232 10.15 -14.06 -12.71
C THR A 232 10.25 -13.42 -11.33
N ASP A 233 9.78 -14.13 -10.32
CA ASP A 233 9.97 -13.80 -8.91
C ASP A 233 10.93 -14.79 -8.28
N SER A 234 11.70 -14.32 -7.30
CA SER A 234 12.52 -15.21 -6.47
C SER A 234 11.64 -15.96 -5.48
N LEU A 235 11.63 -17.30 -5.58
CA LEU A 235 10.85 -18.08 -4.62
C LEU A 235 11.44 -17.96 -3.22
N GLU A 236 12.77 -17.87 -3.13
CA GLU A 236 13.39 -17.72 -1.83
C GLU A 236 12.97 -16.40 -1.20
N LEU A 237 12.94 -15.30 -1.97
CA LEU A 237 12.59 -14.03 -1.34
C LEU A 237 11.13 -14.01 -0.92
N LEU A 238 10.25 -14.61 -1.73
CA LEU A 238 8.85 -14.74 -1.35
C LEU A 238 8.68 -15.53 -0.05
N GLN A 239 9.38 -16.67 0.07
CA GLN A 239 9.30 -17.46 1.29
C GLN A 239 9.81 -16.68 2.49
N LEU A 240 10.93 -15.96 2.32
CA LEU A 240 11.47 -15.15 3.43
C LEU A 240 10.46 -14.10 3.87
N GLN A 241 9.92 -13.34 2.93
CA GLN A 241 8.91 -12.33 3.27
C GLN A 241 7.71 -12.95 3.98
N GLN A 242 7.23 -14.09 3.49
CA GLN A 242 6.07 -14.75 4.07
C GLN A 242 6.36 -15.21 5.49
N LYS A 243 7.52 -15.82 5.72
CA LYS A 243 7.88 -16.27 7.06
C LYS A 243 8.02 -15.10 8.02
N LEU A 244 8.60 -13.98 7.54
CA LEU A 244 8.80 -12.83 8.41
C LEU A 244 7.46 -12.18 8.75
N LEU A 245 6.55 -12.10 7.77
CA LEU A 245 5.22 -11.56 8.04
C LEU A 245 4.47 -12.40 9.08
N TRP A 246 4.60 -13.75 9.04
CA TRP A 246 3.94 -14.58 10.07
C TRP A 246 4.58 -14.35 11.44
N LEU A 247 5.88 -14.10 11.47
CA LEU A 247 6.53 -13.78 12.74
C LEU A 247 5.96 -12.48 13.30
N LEU A 248 5.93 -11.44 12.46
CA LEU A 248 5.34 -10.17 12.84
C LEU A 248 3.87 -10.33 13.26
N TYR A 249 3.11 -11.08 12.47
CA TYR A 249 1.70 -11.36 12.78
C TYR A 249 1.55 -11.91 14.20
N ASP A 250 2.37 -12.92 14.53
CA ASP A 250 2.21 -13.67 15.80
C ASP A 250 2.51 -12.80 17.00
N LEU A 251 3.42 -11.85 16.83
CA LEU A 251 3.80 -10.95 17.90
C LEU A 251 2.91 -9.72 17.97
N GLY A 252 1.93 -9.61 17.06
CA GLY A 252 0.93 -8.55 17.12
C GLY A 252 1.28 -7.30 16.34
N HIS A 253 2.39 -7.31 15.61
CA HIS A 253 2.87 -6.10 14.96
C HIS A 253 2.22 -5.84 13.60
N LEU A 254 1.31 -6.69 13.14
CA LEU A 254 0.49 -6.38 11.94
C LEU A 254 -0.91 -5.90 12.31
N GLU A 255 -1.21 -5.80 13.62
CA GLU A 255 -2.56 -5.46 14.07
C GLU A 255 -3.05 -4.15 13.48
N ARG A 256 -2.16 -3.17 13.35
CA ARG A 256 -2.52 -1.86 12.82
C ARG A 256 -1.93 -1.60 11.43
N TYR A 257 -1.72 -2.66 10.66
CA TYR A 257 -1.00 -2.56 9.38
C TYR A 257 -1.82 -3.27 8.31
N PRO A 258 -2.92 -2.65 7.84
CA PRO A 258 -3.79 -3.33 6.86
C PRO A 258 -3.08 -3.83 5.60
N MET A 259 -2.18 -3.05 5.02
CA MET A 259 -1.51 -3.46 3.78
C MET A 259 -0.61 -4.69 3.98
N ALA A 260 0.01 -4.82 5.17
CA ALA A 260 0.79 -6.02 5.47
C ALA A 260 -0.09 -7.26 5.59
N LEU A 261 -1.30 -7.12 6.15
CA LEU A 261 -2.21 -8.23 6.23
C LEU A 261 -2.70 -8.65 4.83
N GLY A 262 -2.94 -7.67 3.95
CA GLY A 262 -3.28 -8.00 2.57
C GLY A 262 -2.13 -8.71 1.86
N ASN A 263 -0.91 -8.17 2.01
CA ASN A 263 0.27 -8.82 1.46
C ASN A 263 0.38 -10.26 1.94
N LEU A 264 0.16 -10.48 3.25
CA LEU A 264 0.26 -11.83 3.80
C LEU A 264 -0.81 -12.77 3.22
N ALA A 265 -2.04 -12.26 3.05
CA ALA A 265 -3.10 -13.04 2.44
C ALA A 265 -2.77 -13.42 1.00
N ASP A 266 -2.21 -12.47 0.24
CA ASP A 266 -1.78 -12.75 -1.14
C ASP A 266 -0.73 -13.85 -1.17
N LEU A 267 0.25 -13.78 -0.25
CA LEU A 267 1.30 -14.80 -0.18
C LEU A 267 0.73 -16.16 0.22
N GLU A 268 -0.27 -16.17 1.13
CA GLU A 268 -0.91 -17.42 1.49
C GLU A 268 -1.74 -17.99 0.33
N GLU A 269 -2.40 -17.12 -0.44
CA GLU A 269 -3.06 -17.59 -1.65
C GLU A 269 -2.05 -18.23 -2.60
N LEU A 270 -0.89 -17.58 -2.78
CA LEU A 270 0.19 -18.15 -3.57
C LEU A 270 0.59 -19.52 -3.04
N GLU A 271 0.82 -19.61 -1.73
CA GLU A 271 1.41 -20.80 -1.14
C GLU A 271 0.97 -20.95 0.31
N PRO A 272 -0.11 -21.70 0.55
CA PRO A 272 -0.69 -21.77 1.89
C PRO A 272 0.22 -22.43 2.91
N THR A 273 0.25 -21.86 4.12
CA THR A 273 1.02 -22.41 5.21
C THR A 273 0.14 -23.31 6.06
N PRO A 274 0.46 -24.61 6.19
CA PRO A 274 -0.42 -25.53 6.92
C PRO A 274 -0.69 -25.02 8.33
N GLY A 275 -1.96 -24.98 8.70
CA GLY A 275 -2.33 -24.57 10.04
C GLY A 275 -2.66 -23.10 10.19
N ARG A 276 -2.42 -22.29 9.17
CA ARG A 276 -2.62 -20.85 9.26
C ARG A 276 -4.01 -20.47 8.76
N PRO A 277 -4.49 -19.29 9.16
CA PRO A 277 -5.76 -18.78 8.63
C PRO A 277 -5.72 -18.71 7.10
N ASP A 278 -6.87 -18.90 6.47
CA ASP A 278 -6.90 -18.86 5.01
C ASP A 278 -6.87 -17.41 4.52
N PRO A 279 -6.58 -17.19 3.23
CA PRO A 279 -6.50 -15.80 2.73
C PRO A 279 -7.72 -14.96 3.06
N LEU A 280 -8.93 -15.50 2.87
CA LEU A 280 -10.14 -14.72 3.10
C LEU A 280 -10.17 -14.20 4.54
N THR A 281 -9.86 -15.05 5.51
CA THR A 281 -9.76 -14.58 6.89
C THR A 281 -8.78 -13.43 7.02
N LEU A 282 -7.62 -13.53 6.35
CA LEU A 282 -6.60 -12.49 6.48
C LEU A 282 -7.03 -11.20 5.77
N TYR A 283 -7.68 -11.30 4.60
CA TYR A 283 -8.20 -10.09 3.96
C TYR A 283 -9.19 -9.38 4.88
N HIS A 284 -10.10 -10.14 5.50
CA HIS A 284 -11.06 -9.49 6.38
C HIS A 284 -10.40 -8.94 7.62
N LYS A 285 -9.29 -9.53 8.06
CA LYS A 285 -8.58 -8.91 9.18
C LYS A 285 -7.98 -7.57 8.76
N GLY A 286 -7.49 -7.47 7.52
CA GLY A 286 -6.98 -6.18 7.06
C GLY A 286 -8.07 -5.12 7.05
N ILE A 287 -9.28 -5.51 6.60
CA ILE A 287 -10.42 -4.61 6.61
C ILE A 287 -10.82 -4.26 8.03
N ALA A 288 -10.88 -5.27 8.91
CA ALA A 288 -11.17 -5.02 10.33
C ALA A 288 -10.17 -4.04 10.94
N SER A 289 -8.88 -4.19 10.60
CA SER A 289 -7.85 -3.28 11.08
C SER A 289 -8.07 -1.85 10.58
N ALA A 290 -8.43 -1.68 9.31
CA ALA A 290 -8.67 -0.33 8.80
C ALA A 290 -9.89 0.29 9.47
N LYS A 291 -10.93 -0.50 9.71
CA LYS A 291 -12.12 0.02 10.37
C LYS A 291 -11.82 0.40 11.82
N THR A 292 -10.97 -0.40 12.48
CA THR A 292 -10.71 -0.19 13.92
C THR A 292 -9.77 0.98 14.18
N TYR A 293 -8.66 1.05 13.44
CA TYR A 293 -7.62 2.02 13.71
C TYR A 293 -7.59 3.19 12.75
N TYR A 294 -8.24 3.09 11.59
CA TYR A 294 -8.07 4.11 10.57
C TYR A 294 -9.41 4.64 10.05
N ARG A 295 -10.47 4.54 10.86
CA ARG A 295 -11.77 5.14 10.55
C ARG A 295 -12.34 4.66 9.21
N ASP A 296 -11.97 3.44 8.81
CA ASP A 296 -12.46 2.83 7.57
C ASP A 296 -12.20 3.76 6.38
N GLU A 297 -11.11 4.51 6.43
CA GLU A 297 -10.76 5.46 5.38
C GLU A 297 -9.63 4.97 4.46
N HIS A 298 -9.37 3.66 4.42
CA HIS A 298 -8.34 3.10 3.53
C HIS A 298 -9.00 2.43 2.34
N ILE A 299 -8.36 2.53 1.17
CA ILE A 299 -8.89 1.92 -0.05
C ILE A 299 -8.38 0.49 -0.24
N TYR A 300 -7.08 0.26 -0.07
CA TYR A 300 -6.51 -1.03 -0.44
C TYR A 300 -7.07 -2.23 0.32
N PRO A 301 -7.51 -2.14 1.60
CA PRO A 301 -8.11 -3.35 2.19
C PRO A 301 -9.22 -3.95 1.34
N TYR A 302 -10.04 -3.11 0.70
CA TYR A 302 -11.11 -3.65 -0.13
C TYR A 302 -10.60 -4.03 -1.53
N MET A 303 -9.60 -3.32 -2.06
CA MET A 303 -8.99 -3.73 -3.35
C MET A 303 -8.32 -5.09 -3.25
N TYR A 304 -7.56 -5.31 -2.17
CA TYR A 304 -6.99 -6.63 -1.88
C TYR A 304 -8.05 -7.71 -1.95
N LEU A 305 -9.16 -7.50 -1.21
CA LEU A 305 -10.22 -8.51 -1.17
C LEU A 305 -10.84 -8.65 -2.55
N ALA A 306 -10.99 -7.53 -3.25
CA ALA A 306 -11.62 -7.58 -4.57
C ALA A 306 -10.78 -8.42 -5.52
N GLY A 307 -9.46 -8.17 -5.55
CA GLY A 307 -8.58 -8.93 -6.44
C GLY A 307 -8.67 -10.42 -6.19
N TYR A 308 -8.71 -10.82 -4.92
CA TYR A 308 -8.80 -12.24 -4.59
C TYR A 308 -10.10 -12.85 -5.12
N HIS A 309 -11.23 -12.20 -4.85
CA HIS A 309 -12.50 -12.67 -5.40
C HIS A 309 -12.47 -12.71 -6.93
N CYS A 310 -11.87 -11.71 -7.54
CA CYS A 310 -11.79 -11.68 -9.00
C CYS A 310 -10.97 -12.86 -9.53
N ARG A 311 -9.78 -13.09 -8.95
CA ARG A 311 -8.97 -14.22 -9.39
C ARG A 311 -9.73 -15.53 -9.27
N ASN A 312 -10.52 -15.68 -8.21
CA ASN A 312 -11.24 -16.91 -8.01
C ASN A 312 -12.60 -16.92 -8.71
N ARG A 313 -12.90 -15.89 -9.50
CA ARG A 313 -14.16 -15.83 -10.26
C ARG A 313 -15.39 -15.86 -9.35
N ASN A 314 -15.31 -15.27 -8.16
CA ASN A 314 -16.49 -15.01 -7.33
C ASN A 314 -16.97 -13.61 -7.71
N VAL A 315 -17.78 -13.54 -8.77
CA VAL A 315 -18.09 -12.25 -9.38
C VAL A 315 -18.90 -11.36 -8.44
N ARG A 316 -19.90 -11.94 -7.76
CA ARG A 316 -20.69 -11.13 -6.82
C ARG A 316 -19.81 -10.50 -5.75
N GLU A 317 -18.98 -11.31 -5.08
CA GLU A 317 -18.19 -10.75 -3.99
C GLU A 317 -17.10 -9.83 -4.48
N ALA A 318 -16.55 -10.08 -5.69
CA ALA A 318 -15.62 -9.13 -6.27
C ALA A 318 -16.30 -7.78 -6.45
N LEU A 319 -17.50 -7.78 -7.04
CA LEU A 319 -18.24 -6.55 -7.28
C LEU A 319 -18.57 -5.86 -5.96
N GLN A 320 -19.01 -6.63 -4.98
CA GLN A 320 -19.36 -6.04 -3.68
C GLN A 320 -18.14 -5.39 -3.03
N ALA A 321 -16.95 -5.98 -3.21
CA ALA A 321 -15.75 -5.38 -2.66
C ALA A 321 -15.36 -4.13 -3.42
N TRP A 322 -15.57 -4.12 -4.74
CA TRP A 322 -15.20 -2.94 -5.51
C TRP A 322 -16.15 -1.78 -5.22
N ALA A 323 -17.43 -2.10 -5.03
CA ALA A 323 -18.37 -1.08 -4.56
C ALA A 323 -17.90 -0.50 -3.22
N ASP A 324 -17.42 -1.37 -2.32
CA ASP A 324 -16.92 -0.87 -1.03
C ASP A 324 -15.76 0.09 -1.23
N THR A 325 -14.85 -0.19 -2.18
CA THR A 325 -13.76 0.77 -2.45
C THR A 325 -14.32 2.13 -2.88
N ALA A 326 -15.38 2.12 -3.68
CA ALA A 326 -15.95 3.39 -4.14
C ALA A 326 -16.67 4.10 -3.00
N THR A 327 -17.35 3.34 -2.14
CA THR A 327 -17.99 3.93 -0.97
C THR A 327 -16.98 4.63 -0.06
N VAL A 328 -15.78 4.09 0.06
CA VAL A 328 -14.71 4.78 0.79
C VAL A 328 -14.23 6.01 0.02
N ILE A 329 -14.02 5.87 -1.30
CA ILE A 329 -13.38 6.98 -2.00
C ILE A 329 -14.30 8.19 -2.15
N GLN A 330 -15.61 8.02 -2.05
CA GLN A 330 -16.52 9.16 -2.29
C GLN A 330 -16.31 10.27 -1.28
N ASP A 331 -15.81 9.94 -0.08
CA ASP A 331 -15.63 11.00 0.90
C ASP A 331 -14.31 11.72 0.75
N TYR A 332 -13.51 11.44 -0.28
CA TYR A 332 -12.28 12.19 -0.52
C TYR A 332 -12.52 13.22 -1.61
N ASN A 333 -11.63 14.20 -1.68
CA ASN A 333 -11.51 15.08 -2.84
C ASN A 333 -10.33 14.63 -3.69
N TYR A 334 -10.55 14.54 -5.00
CA TYR A 334 -9.49 14.15 -5.93
C TYR A 334 -8.54 15.31 -6.14
N CYS A 335 -7.27 15.11 -5.76
CA CYS A 335 -6.26 16.15 -5.78
C CYS A 335 -5.08 15.74 -6.64
N ARG A 336 -4.13 16.67 -6.74
CA ARG A 336 -3.08 16.78 -7.76
C ARG A 336 -1.97 15.75 -7.61
N GLU A 337 -2.09 14.80 -6.67
CA GLU A 337 -1.13 13.70 -6.55
C GLU A 337 -1.81 12.40 -6.14
N ASP A 338 -3.13 12.30 -6.32
CA ASP A 338 -3.88 11.07 -6.08
C ASP A 338 -3.92 10.15 -7.30
N GLU A 339 -3.06 10.41 -8.30
CA GLU A 339 -3.20 9.77 -9.60
C GLU A 339 -3.18 8.25 -9.51
N GLU A 340 -2.32 7.70 -8.64
CA GLU A 340 -2.22 6.24 -8.53
C GLU A 340 -3.57 5.60 -8.22
N ILE A 341 -4.38 6.24 -7.36
CA ILE A 341 -5.67 5.62 -7.08
C ILE A 341 -6.65 5.88 -8.21
N TYR A 342 -6.54 7.02 -8.90
CA TYR A 342 -7.32 7.21 -10.11
C TYR A 342 -7.08 6.07 -11.08
N LYS A 343 -5.81 5.72 -11.30
CA LYS A 343 -5.46 4.65 -12.23
C LYS A 343 -6.11 3.32 -11.84
N GLU A 344 -6.08 2.98 -10.55
CA GLU A 344 -6.67 1.72 -10.11
C GLU A 344 -8.17 1.66 -10.38
N PHE A 345 -8.90 2.73 -10.04
CA PHE A 345 -10.34 2.75 -10.30
C PHE A 345 -10.62 2.68 -11.80
N PHE A 346 -9.81 3.38 -12.59
CA PHE A 346 -9.93 3.31 -14.04
C PHE A 346 -9.85 1.87 -14.56
N GLU A 347 -8.78 1.14 -14.21
CA GLU A 347 -8.67 -0.22 -14.72
C GLU A 347 -9.77 -1.12 -14.20
N VAL A 348 -10.29 -0.85 -13.00
CA VAL A 348 -11.37 -1.69 -12.50
C VAL A 348 -12.64 -1.42 -13.29
N ALA A 349 -12.92 -0.15 -13.57
CA ALA A 349 -14.17 0.21 -14.25
C ALA A 349 -14.15 -0.22 -15.70
N ASN A 350 -13.04 0.02 -16.39
CA ASN A 350 -12.95 -0.02 -17.85
C ASN A 350 -12.04 -1.14 -18.36
N ASP A 351 -11.86 -2.21 -17.59
CA ASP A 351 -11.00 -3.30 -18.00
CA ASP A 351 -11.01 -3.31 -17.99
C ASP A 351 -11.41 -4.56 -17.22
N VAL A 352 -11.13 -4.58 -15.91
CA VAL A 352 -11.41 -5.77 -15.13
C VAL A 352 -12.90 -6.10 -15.13
N ILE A 353 -13.73 -5.14 -14.70
CA ILE A 353 -15.16 -5.39 -14.62
C ILE A 353 -15.75 -5.75 -15.98
N PRO A 354 -15.40 -5.08 -17.09
CA PRO A 354 -15.85 -5.58 -18.41
C PRO A 354 -15.47 -7.04 -18.67
N ASN A 355 -14.18 -7.40 -18.51
CA ASN A 355 -13.74 -8.76 -18.82
C ASN A 355 -14.42 -9.78 -17.91
N LEU A 356 -14.53 -9.49 -16.62
CA LEU A 356 -15.30 -10.37 -15.75
C LEU A 356 -16.70 -10.56 -16.28
N LEU A 357 -17.32 -9.49 -16.74
CA LEU A 357 -18.68 -9.57 -17.27
C LEU A 357 -18.72 -10.27 -18.62
N LYS A 358 -17.71 -10.02 -19.48
CA LYS A 358 -17.59 -10.76 -20.73
C LYS A 358 -17.52 -12.26 -20.49
N GLU A 359 -16.63 -12.69 -19.58
CA GLU A 359 -16.50 -14.11 -19.27
C GLU A 359 -17.80 -14.68 -18.75
N ALA A 360 -18.53 -13.91 -17.93
CA ALA A 360 -19.80 -14.40 -17.41
C ALA A 360 -20.85 -14.48 -18.52
N ALA A 361 -20.75 -13.61 -19.53
CA ALA A 361 -21.62 -13.72 -20.71
C ALA A 361 -21.30 -14.99 -21.49
N SER A 362 -20.04 -15.13 -21.92
CA SER A 362 -19.56 -16.37 -22.52
C SER A 362 -20.07 -17.59 -21.77
N LEU A 363 -19.95 -17.56 -20.44
CA LEU A 363 -20.29 -18.74 -19.64
C LEU A 363 -21.76 -19.07 -19.75
N LEU A 364 -22.61 -18.04 -19.86
CA LEU A 364 -24.04 -18.29 -20.01
C LEU A 364 -24.39 -18.60 -21.46
N GLU A 365 -23.74 -17.94 -22.42
CA GLU A 365 -23.94 -18.26 -23.83
C GLU A 365 -23.58 -19.71 -24.12
N ALA A 366 -22.76 -20.33 -23.29
CA ALA A 366 -22.47 -21.76 -23.38
C ALA A 366 -23.28 -22.59 -22.37
N GLY A 367 -24.48 -22.13 -22.01
CA GLY A 367 -25.31 -22.86 -21.06
C GLY A 367 -25.27 -22.30 -19.65
N GLY A 371 -26.87 -20.83 -13.13
CA GLY A 371 -27.24 -19.69 -12.31
C GLY A 371 -26.18 -18.59 -12.32
N SER A 372 -26.11 -17.84 -13.42
CA SER A 372 -25.09 -16.81 -13.58
C SER A 372 -25.23 -15.70 -12.54
N ALA A 373 -24.23 -14.83 -12.51
CA ALA A 373 -24.29 -13.62 -11.71
C ALA A 373 -24.96 -12.48 -12.45
N LEU A 374 -24.89 -12.49 -13.79
CA LEU A 374 -25.65 -11.53 -14.58
C LEU A 374 -27.15 -11.68 -14.35
N GLN A 375 -27.58 -12.83 -13.83
CA GLN A 375 -28.94 -13.04 -13.38
C GLN A 375 -29.17 -12.61 -11.94
N ASP A 376 -28.11 -12.24 -11.21
CA ASP A 376 -28.27 -11.79 -9.83
C ASP A 376 -28.45 -10.28 -9.81
N PRO A 377 -29.59 -9.77 -9.36
CA PRO A 377 -29.73 -8.30 -9.27
C PRO A 377 -28.83 -7.70 -8.20
N GLU A 378 -28.45 -8.48 -7.19
CA GLU A 378 -27.46 -8.02 -6.21
C GLU A 378 -26.18 -7.58 -6.88
N CYS A 379 -25.71 -8.37 -7.85
CA CYS A 379 -24.52 -7.98 -8.61
C CYS A 379 -24.74 -6.68 -9.36
N PHE A 380 -25.93 -6.50 -9.94
CA PHE A 380 -26.22 -5.23 -10.61
C PHE A 380 -26.24 -4.08 -9.62
N ALA A 381 -26.83 -4.31 -8.43
CA ALA A 381 -26.82 -3.29 -7.38
C ALA A 381 -25.41 -2.94 -6.95
N HIS A 382 -24.54 -3.96 -6.78
CA HIS A 382 -23.12 -3.65 -6.49
C HIS A 382 -22.51 -2.81 -7.60
N LEU A 383 -22.79 -3.16 -8.86
CA LEU A 383 -22.25 -2.40 -9.98
C LEU A 383 -22.69 -0.94 -9.91
N LEU A 384 -23.95 -0.70 -9.55
CA LEU A 384 -24.44 0.69 -9.44
C LEU A 384 -23.79 1.40 -8.26
N ARG A 385 -23.70 0.73 -7.10
CA ARG A 385 -23.06 1.38 -5.95
C ARG A 385 -21.63 1.77 -6.27
N PHE A 386 -20.90 0.92 -6.99
CA PHE A 386 -19.54 1.26 -7.41
C PHE A 386 -19.52 2.55 -8.20
N TYR A 387 -20.36 2.65 -9.25
CA TYR A 387 -20.35 3.85 -10.07
C TYR A 387 -20.91 5.06 -9.30
N ASP A 388 -21.88 4.84 -8.41
CA ASP A 388 -22.36 5.94 -7.57
C ASP A 388 -21.23 6.53 -6.74
N GLY A 389 -20.39 5.68 -6.16
CA GLY A 389 -19.26 6.18 -5.37
C GLY A 389 -18.28 7.02 -6.16
N ILE A 390 -17.97 6.63 -7.40
CA ILE A 390 -17.00 7.39 -8.18
C ILE A 390 -17.57 8.75 -8.58
N CYS A 391 -18.86 8.81 -8.88
CA CYS A 391 -19.49 10.08 -9.20
C CYS A 391 -19.38 11.06 -8.02
N LYS A 392 -19.77 10.62 -6.81
CA LYS A 392 -19.68 11.51 -5.65
C LYS A 392 -18.26 11.95 -5.39
N TRP A 393 -17.30 11.02 -5.57
CA TRP A 393 -15.89 11.35 -5.46
C TRP A 393 -15.52 12.54 -6.35
N GLU A 394 -16.00 12.52 -7.59
CA GLU A 394 -15.70 13.61 -8.52
C GLU A 394 -16.33 14.93 -8.06
N GLU A 395 -17.51 14.85 -7.47
CA GLU A 395 -18.18 16.04 -6.95
C GLU A 395 -17.25 16.77 -6.00
N GLY A 396 -17.19 18.09 -6.14
CA GLY A 396 -16.32 18.88 -5.29
C GLY A 396 -14.85 18.67 -5.52
N SER A 397 -14.48 18.15 -6.69
CA SER A 397 -13.08 17.96 -7.03
C SER A 397 -12.77 18.63 -8.36
N PRO A 398 -11.62 19.33 -8.46
CA PRO A 398 -11.34 20.13 -9.66
C PRO A 398 -11.07 19.29 -10.89
N THR A 399 -10.18 18.31 -10.74
CA THR A 399 -9.82 17.44 -11.86
C THR A 399 -11.07 16.71 -12.36
N PRO A 400 -11.29 16.65 -13.67
CA PRO A 400 -12.39 15.80 -14.21
C PRO A 400 -12.05 14.31 -14.08
N VAL A 401 -12.92 13.58 -13.38
CA VAL A 401 -12.68 12.16 -13.13
C VAL A 401 -13.26 11.35 -14.28
N LEU A 402 -14.58 11.26 -14.35
CA LEU A 402 -15.22 10.55 -15.46
C LEU A 402 -14.96 11.30 -16.77
N HIS A 403 -15.10 10.59 -17.87
CA HIS A 403 -15.01 11.19 -19.19
C HIS A 403 -15.56 10.17 -20.20
N VAL A 404 -15.37 10.48 -21.50
CA VAL A 404 -15.98 9.69 -22.56
C VAL A 404 -15.51 8.24 -22.50
N GLY A 405 -14.24 8.03 -22.14
CA GLY A 405 -13.71 6.69 -21.94
C GLY A 405 -14.53 5.85 -20.98
N TRP A 406 -14.75 6.36 -19.76
CA TRP A 406 -15.57 5.65 -18.78
C TRP A 406 -16.96 5.37 -19.31
N ALA A 407 -17.45 6.23 -20.22
CA ALA A 407 -18.86 6.21 -20.62
C ALA A 407 -19.23 4.91 -21.32
N THR A 408 -18.37 4.42 -22.22
CA THR A 408 -18.77 3.29 -23.05
C THR A 408 -18.82 1.99 -22.23
N PHE A 409 -17.89 1.81 -21.30
CA PHE A 409 -17.88 0.58 -20.54
C PHE A 409 -19.04 0.54 -19.55
N LEU A 410 -19.37 1.70 -18.96
CA LEU A 410 -20.52 1.78 -18.07
C LEU A 410 -21.76 1.20 -18.75
N VAL A 411 -22.08 1.70 -19.95
CA VAL A 411 -23.29 1.22 -20.61
C VAL A 411 -23.11 -0.22 -21.08
N GLN A 412 -21.91 -0.57 -21.57
CA GLN A 412 -21.64 -1.95 -21.91
C GLN A 412 -21.90 -2.88 -20.73
N SER A 413 -21.50 -2.47 -19.53
CA SER A 413 -21.67 -3.32 -18.35
C SER A 413 -23.14 -3.41 -17.95
N LEU A 414 -23.88 -2.30 -18.07
CA LEU A 414 -25.32 -2.35 -17.78
C LEU A 414 -26.03 -3.33 -18.71
N GLY A 415 -25.68 -3.30 -20.00
CA GLY A 415 -26.32 -4.21 -20.94
C GLY A 415 -26.13 -5.67 -20.57
N ARG A 416 -25.03 -5.99 -19.88
CA ARG A 416 -24.71 -7.37 -19.51
C ARG A 416 -25.77 -7.98 -18.61
N PHE A 417 -26.75 -7.18 -18.19
CA PHE A 417 -27.88 -7.64 -17.39
C PHE A 417 -29.18 -7.40 -18.16
N GLU A 418 -30.07 -8.40 -18.19
CA GLU A 418 -31.36 -8.19 -18.85
C GLU A 418 -32.30 -7.41 -17.95
N GLY A 419 -33.27 -6.74 -18.58
CA GLY A 419 -34.15 -5.84 -17.86
C GLY A 419 -34.84 -6.50 -16.69
N GLN A 420 -35.29 -7.74 -16.86
CA GLN A 420 -36.01 -8.44 -15.79
C GLN A 420 -35.13 -8.56 -14.54
N VAL A 421 -33.83 -8.78 -14.72
CA VAL A 421 -32.94 -8.78 -13.57
C VAL A 421 -32.75 -7.39 -13.00
N ARG A 422 -32.47 -6.42 -13.86
CA ARG A 422 -32.23 -5.05 -13.41
C ARG A 422 -33.46 -4.47 -12.71
N GLN A 423 -34.66 -4.75 -13.22
CA GLN A 423 -35.86 -4.14 -12.67
C GLN A 423 -36.16 -4.58 -11.25
N LYS A 424 -35.38 -5.50 -10.69
CA LYS A 424 -35.64 -6.01 -9.35
C LYS A 424 -34.96 -5.21 -8.24
N VAL A 425 -34.14 -4.21 -8.57
CA VAL A 425 -33.49 -3.39 -7.56
C VAL A 425 -34.18 -2.03 -7.49
N ARG A 426 -34.68 -1.69 -6.30
CA ARG A 426 -35.32 -0.40 -6.05
C ARG A 426 -34.25 0.64 -5.77
N ILE A 427 -34.16 1.65 -6.63
CA ILE A 427 -33.19 2.73 -6.52
C ILE A 427 -33.83 3.91 -5.82
N VAL A 428 -33.19 4.40 -4.76
CA VAL A 428 -33.72 5.46 -3.91
C VAL A 428 -32.75 6.63 -3.96
N SER A 429 -33.27 7.82 -4.29
CA SER A 429 -32.41 9.00 -4.21
C SER A 429 -32.12 9.33 -2.75
N GLY A 430 -30.91 9.83 -2.51
CA GLY A 430 -30.35 9.96 -1.18
C GLY A 430 -31.00 10.96 -0.24
N THR A 431 -31.23 12.18 -0.71
CA THR A 431 -31.70 13.29 0.16
C THR A 431 -30.85 13.41 1.42
N GLY A 458 -36.42 -7.97 -3.62
CA GLY A 458 -35.28 -7.47 -4.38
C GLY A 458 -34.35 -6.60 -3.55
N PRO A 459 -33.26 -6.14 -4.16
CA PRO A 459 -32.34 -5.23 -3.44
C PRO A 459 -32.88 -3.81 -3.41
N VAL A 460 -32.51 -3.09 -2.35
CA VAL A 460 -32.83 -1.67 -2.23
C VAL A 460 -31.57 -0.83 -2.10
N LEU A 461 -31.36 0.10 -3.03
CA LEU A 461 -30.09 0.81 -3.15
C LEU A 461 -30.32 2.31 -3.14
N THR A 462 -29.61 3.00 -2.26
CA THR A 462 -29.68 4.45 -2.16
C THR A 462 -28.51 5.09 -2.92
N PHE A 463 -28.82 6.13 -3.69
CA PHE A 463 -27.83 6.84 -4.49
C PHE A 463 -27.40 8.12 -3.82
N GLN A 464 -26.09 8.39 -3.84
CA GLN A 464 -25.51 9.53 -3.15
C GLN A 464 -25.05 10.66 -4.07
N SER A 465 -24.87 10.41 -5.37
CA SER A 465 -24.30 11.39 -6.28
C SER A 465 -25.37 12.03 -7.17
N GLU A 466 -25.06 13.25 -7.64
CA GLU A 466 -25.93 13.94 -8.59
C GLU A 466 -26.22 13.04 -9.78
N LYS A 467 -25.16 12.76 -10.54
CA LYS A 467 -25.28 12.10 -11.83
C LYS A 467 -26.07 10.80 -11.73
N MET A 468 -25.74 9.94 -10.76
CA MET A 468 -26.43 8.66 -10.71
C MET A 468 -27.85 8.80 -10.18
N LYS A 469 -28.13 9.84 -9.38
CA LYS A 469 -29.52 10.18 -9.10
C LYS A 469 -30.26 10.53 -10.39
N GLY A 470 -29.61 11.28 -11.29
CA GLY A 470 -30.17 11.63 -12.58
C GLY A 470 -30.68 10.45 -13.41
N MET A 471 -29.83 9.47 -13.68
CA MET A 471 -30.20 8.35 -14.52
C MET A 471 -30.98 7.27 -13.78
N LYS A 472 -31.52 7.57 -12.59
CA LYS A 472 -32.24 6.60 -11.77
C LYS A 472 -33.16 5.63 -12.50
N GLU A 473 -33.95 6.12 -13.46
CA GLU A 473 -34.87 5.27 -14.19
C GLU A 473 -34.32 4.78 -15.53
N LEU A 474 -33.36 5.48 -16.13
CA LEU A 474 -32.76 4.93 -17.37
C LEU A 474 -32.15 3.55 -17.09
N LEU A 475 -31.42 3.46 -15.99
CA LEU A 475 -30.66 2.26 -15.58
C LEU A 475 -31.54 1.00 -15.52
N VAL A 476 -32.86 1.15 -15.45
CA VAL A 476 -33.72 -0.05 -15.26
C VAL A 476 -34.74 -0.25 -16.38
N ALA A 477 -34.57 0.42 -17.52
CA ALA A 477 -35.49 0.33 -18.66
C ALA A 477 -35.19 -0.92 -19.48
N THR A 478 -36.22 -1.61 -19.99
CA THR A 478 -36.00 -2.83 -20.81
C THR A 478 -34.98 -2.62 -21.93
N LYS A 479 -34.83 -1.42 -22.47
CA LYS A 479 -33.77 -1.07 -23.39
C LYS A 479 -33.02 0.14 -22.84
N ILE A 480 -31.72 0.17 -23.12
CA ILE A 480 -30.78 1.09 -22.49
C ILE A 480 -30.58 2.30 -23.39
N ASN A 481 -30.85 3.49 -22.86
CA ASN A 481 -30.71 4.74 -23.61
C ASN A 481 -29.23 5.12 -23.63
N SER A 482 -28.50 4.62 -24.63
CA SER A 482 -27.05 4.76 -24.67
C SER A 482 -26.61 6.22 -24.64
N SER A 483 -26.89 6.98 -25.70
CA SER A 483 -26.35 8.34 -25.79
C SER A 483 -26.82 9.21 -24.64
N ALA A 484 -27.92 8.86 -23.99
CA ALA A 484 -28.40 9.55 -22.81
C ALA A 484 -27.48 9.32 -21.62
N ILE A 485 -27.43 8.07 -21.14
CA ILE A 485 -26.52 7.66 -20.08
C ILE A 485 -25.09 8.12 -20.38
N LYS A 486 -24.68 8.05 -21.65
CA LYS A 486 -23.34 8.47 -22.02
C LYS A 486 -23.10 9.94 -21.69
N LEU A 487 -24.09 10.79 -21.85
CA LEU A 487 -23.86 12.22 -21.63
C LEU A 487 -24.10 12.64 -20.18
N GLN A 488 -25.07 12.03 -19.50
CA GLN A 488 -25.30 12.34 -18.09
C GLN A 488 -24.12 11.97 -17.19
N LEU A 489 -23.26 11.05 -17.64
CA LEU A 489 -22.09 10.69 -16.85
C LEU A 489 -20.92 11.63 -17.11
N THR A 490 -20.69 11.95 -18.38
CA THR A 490 -19.60 12.81 -18.81
C THR A 490 -19.89 14.29 -18.59
N ALA A 491 -20.98 14.61 -17.92
CA ALA A 491 -21.42 15.99 -17.75
C ALA A 491 -20.52 16.75 -16.78
N GLN A 492 -20.39 18.05 -17.03
CA GLN A 492 -19.77 19.01 -16.11
C GLN A 492 -18.38 18.56 -15.63
#